data_7XWQ
#
_entry.id   7XWQ
#
_cell.length_a   52.002
_cell.length_b   88.944
_cell.length_c   101.094
_cell.angle_alpha   90.000
_cell.angle_beta   90.000
_cell.angle_gamma   90.000
#
_symmetry.space_group_name_H-M   'P 21 21 21'
#
loop_
_entity.id
_entity.type
_entity.pdbx_description
1 polymer 'Estrogen receptor beta'
2 polymer 'SRC peptide'
3 non-polymer (2~{R})-2-(2-chloranyl-4-oxidanyl-phenyl)-3-(4-hydroxyphenyl)propanenitrile
4 water water
#
loop_
_entity_poly.entity_id
_entity_poly.type
_entity_poly.pdbx_seq_one_letter_code
_entity_poly.pdbx_strand_id
1 'polypeptide(L)'
;GPLGSDALSPEQLVLTLLEAEPPHVLISRPSAPFTEASMMMSLTKLADKELVHMISWAKKIPGFVELSLFDQVRLLESSW
MEVLMMGLMWRSIDHPGKLIFAPDLVLDRDEGKSVEGILEIFDMLLATTSRFRELKLQHKEYLCVKAMILLNSSMYPLVT
ATQDADSSRKLAHLLNAVTDALVWVIAKSGISSQQQSMRLANLLMLLSHVRHASNKGMEHLLNMKSKNVVPVYDLLLEML
NAHVLDD
;
A,B
2 'polypeptide(L)' SGSHKLVQLLTTT C,D
#
# COMPACT_ATOMS: atom_id res chain seq x y z
N LEU A 8 3.98 -28.89 -2.21
CA LEU A 8 5.34 -28.54 -1.60
C LEU A 8 5.15 -28.18 -0.12
N SER A 9 6.05 -28.59 0.77
CA SER A 9 6.08 -28.03 2.16
C SER A 9 6.39 -26.53 2.06
N PRO A 10 5.98 -25.68 3.03
CA PRO A 10 6.53 -24.34 3.12
C PRO A 10 8.07 -24.29 3.06
N GLU A 11 8.78 -25.21 3.74
CA GLU A 11 10.26 -25.18 3.71
C GLU A 11 10.71 -25.32 2.25
N GLN A 12 10.08 -26.20 1.49
CA GLN A 12 10.56 -26.46 0.10
C GLN A 12 10.07 -25.37 -0.83
N LEU A 13 8.93 -24.72 -0.56
CA LEU A 13 8.54 -23.54 -1.36
C LEU A 13 9.60 -22.47 -1.11
N VAL A 14 10.04 -22.24 0.14
CA VAL A 14 11.04 -21.18 0.44
C VAL A 14 12.37 -21.53 -0.26
N LEU A 15 12.77 -22.79 -0.26
CA LEU A 15 13.95 -23.23 -1.03
C LEU A 15 13.77 -22.90 -2.52
N THR A 16 12.59 -23.09 -3.11
CA THR A 16 12.35 -22.70 -4.52
C THR A 16 12.55 -21.19 -4.70
N LEU A 17 12.07 -20.38 -3.77
CA LEU A 17 12.33 -18.91 -3.84
C LEU A 17 13.85 -18.65 -3.72
N LEU A 18 14.55 -19.38 -2.85
CA LEU A 18 16.02 -19.18 -2.72
C LEU A 18 16.66 -19.45 -4.09
N GLU A 19 16.32 -20.55 -4.77
CA GLU A 19 16.96 -20.87 -6.09
C GLU A 19 16.50 -19.89 -7.18
N ALA A 20 15.36 -19.20 -7.04
CA ALA A 20 14.85 -18.25 -8.07
C ALA A 20 15.58 -16.91 -8.00
N GLU A 21 16.32 -16.69 -6.90
CA GLU A 21 16.93 -15.39 -6.56
C GLU A 21 17.82 -14.96 -7.71
N PRO A 22 17.69 -13.70 -8.20
CA PRO A 22 18.48 -13.28 -9.34
C PRO A 22 19.94 -13.19 -8.94
N PRO A 23 20.86 -13.24 -9.92
CA PRO A 23 22.29 -13.16 -9.62
C PRO A 23 22.60 -11.73 -9.13
N HIS A 24 23.77 -11.55 -8.52
CA HIS A 24 24.32 -10.22 -8.13
C HIS A 24 24.56 -9.41 -9.41
N VAL A 25 24.02 -8.19 -9.51
CA VAL A 25 24.07 -7.37 -10.75
C VAL A 25 25.00 -6.19 -10.49
N LEU A 26 25.92 -5.90 -11.41
CA LEU A 26 26.88 -4.78 -11.32
C LEU A 26 26.62 -3.83 -12.50
N ILE A 27 26.96 -2.56 -12.37
CA ILE A 27 26.66 -1.58 -13.45
C ILE A 27 27.80 -1.52 -14.47
N SER A 28 29.04 -1.84 -14.12
CA SER A 28 30.21 -1.70 -15.04
C SER A 28 30.21 -0.31 -15.70
N ARG A 29 29.95 0.75 -14.93
CA ARG A 29 29.66 2.14 -15.41
C ARG A 29 29.64 3.12 -14.22
N GLU A 36 24.77 13.41 -10.55
CA GLU A 36 24.11 14.23 -11.60
C GLU A 36 23.75 13.30 -12.77
N ALA A 37 24.13 13.66 -13.99
CA ALA A 37 23.87 12.87 -15.22
C ALA A 37 24.44 11.45 -15.04
N SER A 38 25.63 11.32 -14.44
CA SER A 38 26.28 10.02 -14.15
C SER A 38 25.36 9.18 -13.24
N MET A 39 24.89 9.73 -12.13
CA MET A 39 24.05 8.96 -11.17
C MET A 39 22.80 8.40 -11.88
N MET A 40 22.12 9.22 -12.69
CA MET A 40 20.83 8.86 -13.29
C MET A 40 21.02 7.88 -14.45
N MET A 41 22.11 8.02 -15.20
CA MET A 41 22.51 7.00 -16.22
C MET A 41 22.75 5.66 -15.51
N SER A 42 23.46 5.68 -14.38
CA SER A 42 23.78 4.46 -13.61
C SER A 42 22.48 3.82 -13.05
N LEU A 43 21.57 4.61 -12.49
CA LEU A 43 20.36 4.04 -11.87
C LEU A 43 19.46 3.44 -12.95
N THR A 44 19.31 4.08 -14.11
CA THR A 44 18.40 3.57 -15.19
C THR A 44 19.00 2.33 -15.84
N LYS A 45 20.32 2.32 -16.08
CA LYS A 45 21.04 1.14 -16.63
C LYS A 45 20.83 -0.06 -15.68
N LEU A 46 21.00 0.16 -14.37
CA LEU A 46 20.83 -0.92 -13.36
C LEU A 46 19.40 -1.43 -13.39
N ALA A 47 18.41 -0.54 -13.36
CA ALA A 47 16.98 -0.92 -13.35
C ALA A 47 16.68 -1.76 -14.61
N ASP A 48 17.17 -1.37 -15.78
CA ASP A 48 16.96 -2.16 -17.03
C ASP A 48 17.58 -3.58 -16.90
N LYS A 49 18.81 -3.71 -16.41
CA LYS A 49 19.45 -5.03 -16.24
C LYS A 49 18.68 -5.85 -15.19
N GLU A 50 18.27 -5.23 -14.07
CA GLU A 50 17.57 -6.00 -13.01
C GLU A 50 16.21 -6.50 -13.50
N LEU A 51 15.56 -5.72 -14.37
CA LEU A 51 14.24 -6.11 -14.95
C LEU A 51 14.36 -7.42 -15.74
N VAL A 52 15.46 -7.63 -16.47
CA VAL A 52 15.69 -8.90 -17.23
C VAL A 52 15.72 -10.08 -16.23
N HIS A 53 16.53 -9.97 -15.17
CA HIS A 53 16.63 -10.99 -14.09
C HIS A 53 15.30 -11.14 -13.34
N MET A 54 14.56 -10.05 -13.14
CA MET A 54 13.26 -10.09 -12.41
C MET A 54 12.28 -11.02 -13.16
N ILE A 55 12.28 -10.96 -14.48
CA ILE A 55 11.37 -11.82 -15.29
C ILE A 55 11.78 -13.28 -15.09
N SER A 56 13.06 -13.62 -15.05
CA SER A 56 13.52 -15.03 -14.88
C SER A 56 13.15 -15.49 -13.47
N TRP A 57 13.34 -14.62 -12.48
CA TRP A 57 12.88 -14.87 -11.08
C TRP A 57 11.39 -15.24 -11.04
N ALA A 58 10.48 -14.37 -11.52
CA ALA A 58 9.01 -14.58 -11.50
C ALA A 58 8.67 -15.96 -12.06
N LYS A 59 9.26 -16.30 -13.20
CA LYS A 59 9.01 -17.60 -13.88
C LYS A 59 9.45 -18.78 -13.03
N LYS A 60 10.32 -18.57 -12.04
CA LYS A 60 10.78 -19.70 -11.18
C LYS A 60 9.91 -19.80 -9.92
N ILE A 61 8.97 -18.90 -9.75
CA ILE A 61 7.98 -19.01 -8.63
C ILE A 61 6.98 -20.09 -9.02
N PRO A 62 6.87 -21.21 -8.26
CA PRO A 62 6.00 -22.31 -8.67
C PRO A 62 4.58 -21.83 -8.94
N GLY A 63 4.05 -22.17 -10.11
CA GLY A 63 2.68 -21.84 -10.49
C GLY A 63 2.61 -20.59 -11.36
N PHE A 64 3.54 -19.63 -11.24
CA PHE A 64 3.46 -18.31 -11.93
C PHE A 64 3.24 -18.50 -13.43
N VAL A 65 4.04 -19.34 -14.08
CA VAL A 65 3.95 -19.57 -15.55
C VAL A 65 2.64 -20.29 -15.92
N GLU A 66 1.92 -20.91 -14.99
CA GLU A 66 0.58 -21.52 -15.28
C GLU A 66 -0.51 -20.44 -15.24
N LEU A 67 -0.18 -19.22 -14.79
CA LEU A 67 -1.13 -18.09 -14.86
C LEU A 67 -1.29 -17.71 -16.34
N SER A 68 -2.39 -17.04 -16.67
CA SER A 68 -2.62 -16.45 -18.01
C SER A 68 -1.45 -15.50 -18.35
N LEU A 69 -1.03 -15.48 -19.61
CA LEU A 69 0.03 -14.53 -20.03
C LEU A 69 -0.39 -13.12 -19.61
N PHE A 70 -1.68 -12.79 -19.73
CA PHE A 70 -2.21 -11.44 -19.38
C PHE A 70 -1.93 -11.15 -17.89
N ASP A 71 -2.17 -12.14 -17.03
CA ASP A 71 -2.01 -12.00 -15.55
C ASP A 71 -0.50 -11.91 -15.22
N GLN A 72 0.35 -12.69 -15.91
CA GLN A 72 1.82 -12.67 -15.70
C GLN A 72 2.33 -11.28 -16.05
N VAL A 73 1.89 -10.73 -17.19
CA VAL A 73 2.27 -9.36 -17.63
C VAL A 73 1.76 -8.30 -16.63
N ARG A 74 0.48 -8.36 -16.23
CA ARG A 74 -0.13 -7.34 -15.35
C ARG A 74 0.62 -7.29 -14.01
N LEU A 75 0.95 -8.45 -13.46
CA LEU A 75 1.61 -8.53 -12.12
C LEU A 75 3.00 -7.89 -12.17
N LEU A 76 3.78 -8.15 -13.21
CA LEU A 76 5.14 -7.58 -13.34
C LEU A 76 5.03 -6.10 -13.68
N GLU A 77 4.07 -5.69 -14.54
CA GLU A 77 3.88 -4.26 -14.86
C GLU A 77 3.53 -3.44 -13.62
N SER A 78 2.68 -3.99 -12.78
CA SER A 78 2.19 -3.29 -11.57
C SER A 78 3.32 -3.17 -10.56
N SER A 79 4.08 -4.25 -10.32
CA SER A 79 4.87 -4.40 -9.07
C SER A 79 6.37 -4.20 -9.27
N TRP A 80 6.88 -4.01 -10.50
CA TRP A 80 8.34 -4.12 -10.75
C TRP A 80 9.12 -3.13 -9.87
N MET A 81 8.67 -1.89 -9.70
CA MET A 81 9.44 -0.88 -8.92
C MET A 81 9.45 -1.26 -7.43
N GLU A 82 8.34 -1.74 -6.88
CA GLU A 82 8.30 -2.26 -5.49
C GLU A 82 9.24 -3.46 -5.35
N VAL A 83 9.28 -4.40 -6.31
CA VAL A 83 10.19 -5.57 -6.24
C VAL A 83 11.64 -5.10 -6.31
N LEU A 84 11.96 -4.11 -7.14
CA LEU A 84 13.32 -3.52 -7.16
C LEU A 84 13.65 -2.94 -5.77
N MET A 85 12.73 -2.17 -5.19
CA MET A 85 13.03 -1.45 -3.94
C MET A 85 13.14 -2.45 -2.79
N MET A 86 12.35 -3.53 -2.77
CA MET A 86 12.47 -4.56 -1.70
C MET A 86 13.86 -5.20 -1.78
N GLY A 87 14.37 -5.45 -2.99
CA GLY A 87 15.72 -6.00 -3.19
C GLY A 87 16.79 -5.05 -2.66
N LEU A 88 16.68 -3.76 -2.99
CA LEU A 88 17.64 -2.72 -2.53
C LEU A 88 17.63 -2.67 -0.99
N MET A 89 16.46 -2.76 -0.38
CA MET A 89 16.41 -2.70 1.10
C MET A 89 17.14 -3.89 1.73
N TRP A 90 16.90 -5.12 1.26
CA TRP A 90 17.62 -6.35 1.73
C TRP A 90 19.13 -6.15 1.53
N ARG A 91 19.58 -5.72 0.36
CA ARG A 91 21.04 -5.53 0.11
C ARG A 91 21.62 -4.48 1.06
N SER A 92 20.84 -3.48 1.44
CA SER A 92 21.29 -2.28 2.23
C SER A 92 21.20 -2.54 3.73
N ILE A 93 20.61 -3.65 4.14
CA ILE A 93 20.15 -3.83 5.55
C ILE A 93 21.37 -3.74 6.51
N ASP A 94 22.50 -4.30 6.13
CA ASP A 94 23.73 -4.35 6.96
C ASP A 94 24.65 -3.16 6.69
N HIS A 95 24.18 -2.09 6.06
CA HIS A 95 25.03 -0.95 5.64
C HIS A 95 24.32 0.35 6.00
N PRO A 96 24.20 0.67 7.30
CA PRO A 96 23.47 1.88 7.72
C PRO A 96 24.00 3.10 6.96
N GLY A 97 23.12 4.05 6.65
CA GLY A 97 23.48 5.28 5.91
C GLY A 97 23.74 5.05 4.42
N LYS A 98 23.72 3.81 3.92
CA LYS A 98 24.07 3.55 2.50
C LYS A 98 22.90 2.84 1.79
N LEU A 99 22.76 3.13 0.50
CA LEU A 99 21.87 2.36 -0.39
C LEU A 99 22.74 1.57 -1.36
N ILE A 100 22.74 0.26 -1.19
CA ILE A 100 23.57 -0.68 -1.99
C ILE A 100 22.80 -1.03 -3.26
N PHE A 101 22.75 -0.09 -4.19
CA PHE A 101 22.11 -0.33 -5.51
C PHE A 101 22.79 -1.55 -6.11
N ALA A 102 24.12 -1.51 -6.14
CA ALA A 102 25.00 -2.60 -6.58
C ALA A 102 26.34 -2.41 -5.90
N PRO A 103 27.22 -3.45 -5.94
CA PRO A 103 28.60 -3.30 -5.48
C PRO A 103 29.31 -2.08 -6.05
N ASP A 104 29.16 -1.79 -7.35
CA ASP A 104 29.77 -0.59 -7.98
C ASP A 104 28.79 0.57 -8.00
N LEU A 105 27.69 0.51 -7.25
CA LEU A 105 26.83 1.72 -7.13
C LEU A 105 26.30 1.82 -5.71
N VAL A 106 27.14 2.34 -4.79
CA VAL A 106 26.81 2.49 -3.35
C VAL A 106 26.59 3.98 -3.17
N LEU A 107 25.41 4.42 -2.78
CA LEU A 107 25.09 5.87 -2.73
C LEU A 107 24.65 6.23 -1.32
N ASP A 108 24.80 7.50 -0.92
CA ASP A 108 24.20 7.96 0.37
C ASP A 108 23.37 9.22 0.12
N ARG A 109 22.67 9.68 1.16
CA ARG A 109 21.69 10.80 1.12
C ARG A 109 22.35 12.02 0.47
N ASP A 110 23.66 12.18 0.66
CA ASP A 110 24.44 13.32 0.14
C ASP A 110 24.63 13.20 -1.38
N GLU A 111 24.71 11.99 -1.95
CA GLU A 111 24.83 11.87 -3.43
C GLU A 111 23.44 12.10 -4.04
N GLY A 112 22.39 11.84 -3.27
CA GLY A 112 20.99 12.05 -3.66
C GLY A 112 20.67 13.51 -3.92
N LYS A 113 21.32 14.40 -3.18
CA LYS A 113 21.13 15.87 -3.26
C LYS A 113 21.48 16.38 -4.66
N SER A 114 22.30 15.66 -5.43
CA SER A 114 22.85 16.09 -6.74
C SER A 114 21.79 16.07 -7.85
N VAL A 115 20.60 15.48 -7.61
CA VAL A 115 19.48 15.45 -8.60
C VAL A 115 18.19 15.84 -7.89
N GLU A 116 17.47 16.81 -8.44
CA GLU A 116 16.20 17.31 -7.88
C GLU A 116 15.25 16.12 -7.68
N GLY A 117 14.66 16.02 -6.50
CA GLY A 117 13.63 15.00 -6.18
C GLY A 117 14.19 13.69 -5.69
N ILE A 118 15.48 13.43 -5.86
CA ILE A 118 16.08 12.09 -5.54
C ILE A 118 16.27 12.00 -4.02
N LEU A 119 16.68 13.09 -3.39
CA LEU A 119 16.94 13.09 -1.93
C LEU A 119 15.74 12.50 -1.19
N GLU A 120 14.54 13.02 -1.46
CA GLU A 120 13.25 12.54 -0.90
C GLU A 120 13.17 11.02 -1.00
N ILE A 121 13.49 10.48 -2.18
CA ILE A 121 13.32 9.02 -2.43
C ILE A 121 14.37 8.29 -1.60
N PHE A 122 15.60 8.76 -1.63
CA PHE A 122 16.68 8.14 -0.82
C PHE A 122 16.28 8.14 0.66
N ASP A 123 15.71 9.24 1.17
CA ASP A 123 15.36 9.37 2.61
C ASP A 123 14.30 8.31 2.95
N MET A 124 13.32 8.11 2.09
CA MET A 124 12.24 7.09 2.28
C MET A 124 12.88 5.71 2.26
N LEU A 125 13.76 5.44 1.29
CA LEU A 125 14.38 4.08 1.17
C LEU A 125 15.27 3.78 2.39
N LEU A 126 16.04 4.79 2.82
CA LEU A 126 16.92 4.69 4.00
C LEU A 126 16.10 4.46 5.26
N ALA A 127 15.01 5.20 5.45
CA ALA A 127 14.12 5.06 6.63
C ALA A 127 13.48 3.67 6.66
N THR A 128 12.94 3.18 5.53
CA THR A 128 12.27 1.85 5.53
C THR A 128 13.33 0.76 5.77
N THR A 129 14.52 0.93 5.22
CA THR A 129 15.64 -0.03 5.39
C THR A 129 15.93 -0.10 6.88
N SER A 130 15.96 1.07 7.54
CA SER A 130 16.22 1.19 9.00
C SER A 130 15.14 0.43 9.78
N ARG A 131 13.88 0.49 9.36
CA ARG A 131 12.80 -0.28 10.03
C ARG A 131 13.07 -1.78 9.86
N PHE A 132 13.49 -2.25 8.68
CA PHE A 132 13.71 -3.71 8.50
C PHE A 132 14.92 -4.13 9.34
N ARG A 133 15.91 -3.24 9.45
CA ARG A 133 17.16 -3.48 10.24
C ARG A 133 16.77 -3.66 11.70
N GLU A 134 15.96 -2.77 12.24
CA GLU A 134 15.47 -2.81 13.64
C GLU A 134 14.68 -4.11 13.87
N LEU A 135 13.83 -4.55 12.94
CA LEU A 135 13.11 -5.85 13.08
C LEU A 135 14.07 -7.02 12.84
N LYS A 136 15.31 -6.76 12.41
CA LYS A 136 16.28 -7.85 12.08
C LYS A 136 15.65 -8.84 11.07
N LEU A 137 15.18 -8.28 9.97
CA LEU A 137 14.57 -9.03 8.83
C LEU A 137 15.51 -10.16 8.45
N GLN A 138 14.99 -11.36 8.31
CA GLN A 138 15.84 -12.53 7.95
C GLN A 138 15.74 -12.83 6.47
N HIS A 139 16.76 -13.45 5.90
CA HIS A 139 16.82 -13.75 4.45
C HIS A 139 15.54 -14.47 3.99
N LYS A 140 15.06 -15.49 4.71
CA LYS A 140 13.90 -16.27 4.21
C LYS A 140 12.60 -15.46 4.34
N GLU A 141 12.55 -14.51 5.26
CA GLU A 141 11.41 -13.54 5.36
C GLU A 141 11.41 -12.62 4.14
N TYR A 142 12.59 -12.15 3.75
CA TYR A 142 12.78 -11.30 2.57
C TYR A 142 12.29 -12.05 1.33
N LEU A 143 12.70 -13.30 1.18
CA LEU A 143 12.29 -14.06 -0.03
C LEU A 143 10.76 -14.13 -0.10
N CYS A 144 10.08 -14.47 1.00
CA CYS A 144 8.59 -14.56 1.03
C CYS A 144 8.00 -13.18 0.72
N VAL A 145 8.48 -12.11 1.35
CA VAL A 145 7.76 -10.81 1.16
C VAL A 145 8.00 -10.31 -0.26
N LYS A 146 9.18 -10.55 -0.84
CA LYS A 146 9.38 -10.06 -2.23
C LYS A 146 8.38 -10.75 -3.17
N ALA A 147 8.11 -12.04 -3.00
CA ALA A 147 7.18 -12.79 -3.86
C ALA A 147 5.75 -12.31 -3.59
N MET A 148 5.44 -12.05 -2.33
CA MET A 148 4.10 -11.52 -1.96
C MET A 148 3.89 -10.16 -2.60
N ILE A 149 4.91 -9.31 -2.68
CA ILE A 149 4.77 -7.98 -3.36
C ILE A 149 4.30 -8.23 -4.80
N LEU A 150 4.96 -9.11 -5.53
CA LEU A 150 4.55 -9.43 -6.93
C LEU A 150 3.13 -10.00 -6.93
N LEU A 151 2.86 -11.03 -6.12
CA LEU A 151 1.61 -11.83 -6.28
C LEU A 151 0.41 -11.03 -5.76
N ASN A 152 0.61 -10.10 -4.84
CA ASN A 152 -0.52 -9.35 -4.22
C ASN A 152 -0.75 -8.02 -4.97
N SER A 153 -0.10 -7.74 -6.10
CA SER A 153 -0.18 -6.41 -6.75
C SER A 153 -1.52 -6.22 -7.47
N SER A 154 -1.87 -4.95 -7.76
CA SER A 154 -3.11 -4.44 -8.42
C SER A 154 -3.74 -5.45 -9.39
N ASP A 166 -10.09 -19.28 -13.90
CA ASP A 166 -8.95 -20.24 -13.91
C ASP A 166 -7.75 -19.53 -13.28
N SER A 167 -7.21 -18.53 -13.98
CA SER A 167 -5.97 -17.79 -13.61
C SER A 167 -6.14 -17.10 -12.25
N SER A 168 -7.23 -16.36 -12.01
CA SER A 168 -7.50 -15.67 -10.71
C SER A 168 -7.44 -16.64 -9.51
N ARG A 169 -8.05 -17.82 -9.61
CA ARG A 169 -8.09 -18.79 -8.50
C ARG A 169 -6.68 -19.35 -8.29
N LYS A 170 -5.96 -19.60 -9.39
CA LYS A 170 -4.56 -20.06 -9.34
C LYS A 170 -3.72 -18.97 -8.65
N LEU A 171 -3.94 -17.69 -8.93
CA LEU A 171 -3.16 -16.61 -8.29
C LEU A 171 -3.47 -16.56 -6.78
N ALA A 172 -4.73 -16.64 -6.36
CA ALA A 172 -5.08 -16.61 -4.91
C ALA A 172 -4.43 -17.82 -4.23
N HIS A 173 -4.42 -18.96 -4.90
CA HIS A 173 -3.74 -20.18 -4.42
C HIS A 173 -2.23 -19.94 -4.27
N LEU A 174 -1.58 -19.39 -5.29
CA LEU A 174 -0.11 -19.13 -5.20
C LEU A 174 0.12 -18.13 -4.06
N LEU A 175 -0.64 -17.04 -3.98
CA LEU A 175 -0.41 -16.02 -2.92
C LEU A 175 -0.61 -16.67 -1.53
N ASN A 176 -1.61 -17.51 -1.35
CA ASN A 176 -1.83 -18.25 -0.06
C ASN A 176 -0.60 -19.13 0.29
N ALA A 177 -0.08 -19.84 -0.68
CA ALA A 177 1.12 -20.72 -0.54
C ALA A 177 2.32 -19.89 -0.03
N VAL A 178 2.57 -18.71 -0.60
CA VAL A 178 3.72 -17.87 -0.18
C VAL A 178 3.45 -17.28 1.22
N THR A 179 2.21 -16.86 1.52
CA THR A 179 1.78 -16.39 2.87
C THR A 179 2.02 -17.48 3.91
N ASP A 180 1.62 -18.70 3.61
CA ASP A 180 1.80 -19.88 4.48
C ASP A 180 3.29 -20.09 4.75
N ALA A 181 4.13 -19.85 3.75
CA ALA A 181 5.59 -20.03 3.88
C ALA A 181 6.17 -18.94 4.79
N LEU A 182 5.73 -17.69 4.67
CA LEU A 182 6.20 -16.65 5.59
C LEU A 182 5.79 -17.01 7.03
N VAL A 183 4.55 -17.43 7.27
CA VAL A 183 4.07 -17.83 8.62
C VAL A 183 5.01 -18.93 9.16
N TRP A 184 5.33 -19.91 8.32
CA TRP A 184 6.28 -21.00 8.65
C TRP A 184 7.65 -20.42 9.04
N VAL A 185 8.21 -19.51 8.25
CA VAL A 185 9.56 -18.93 8.54
C VAL A 185 9.52 -18.32 9.95
N ILE A 186 8.46 -17.58 10.25
CA ILE A 186 8.37 -16.84 11.54
C ILE A 186 8.26 -17.89 12.65
N ALA A 187 7.49 -18.94 12.40
CA ALA A 187 7.25 -20.02 13.39
C ALA A 187 8.60 -20.68 13.73
N LYS A 188 9.46 -20.89 12.73
CA LYS A 188 10.80 -21.52 12.91
C LYS A 188 11.70 -20.67 13.82
N SER A 189 11.46 -19.37 13.97
CA SER A 189 12.26 -18.51 14.89
C SER A 189 12.03 -18.94 16.37
N GLY A 190 10.98 -19.68 16.67
CA GLY A 190 10.70 -20.18 18.04
C GLY A 190 10.26 -19.10 19.03
N ILE A 191 10.01 -17.85 18.61
CA ILE A 191 9.41 -16.81 19.51
C ILE A 191 7.98 -17.22 19.86
N SER A 192 7.36 -16.62 20.89
CA SER A 192 5.97 -16.93 21.31
C SER A 192 5.00 -16.74 20.14
N SER A 193 3.85 -17.44 20.16
CA SER A 193 2.77 -17.32 19.16
C SER A 193 2.32 -15.86 19.10
N GLN A 194 2.27 -15.19 20.27
CA GLN A 194 1.98 -13.74 20.39
C GLN A 194 3.03 -12.95 19.61
N GLN A 195 4.31 -13.25 19.80
CA GLN A 195 5.41 -12.51 19.15
C GLN A 195 5.39 -12.83 17.64
N GLN A 196 4.96 -14.04 17.25
CA GLN A 196 4.87 -14.47 15.82
C GLN A 196 3.83 -13.62 15.09
N SER A 197 2.69 -13.39 15.75
CA SER A 197 1.55 -12.63 15.18
C SER A 197 1.99 -11.16 15.03
N MET A 198 2.64 -10.61 16.03
CA MET A 198 3.09 -9.20 16.00
C MET A 198 4.17 -9.05 14.93
N ARG A 199 5.03 -10.04 14.80
CA ARG A 199 6.15 -9.96 13.83
C ARG A 199 5.58 -9.99 12.41
N LEU A 200 4.63 -10.88 12.14
CA LEU A 200 3.96 -10.97 10.83
C LEU A 200 3.29 -9.63 10.50
N ALA A 201 2.55 -9.03 11.44
CA ALA A 201 1.89 -7.72 11.26
C ALA A 201 2.93 -6.65 10.96
N ASN A 202 3.99 -6.59 11.73
CA ASN A 202 5.02 -5.55 11.54
C ASN A 202 5.71 -5.69 10.18
N LEU A 203 5.97 -6.89 9.71
CA LEU A 203 6.63 -7.06 8.37
C LEU A 203 5.65 -6.59 7.29
N LEU A 204 4.42 -7.06 7.34
CA LEU A 204 3.43 -6.80 6.28
C LEU A 204 3.13 -5.30 6.29
N MET A 205 3.11 -4.66 7.46
CA MET A 205 2.83 -3.20 7.49
C MET A 205 3.96 -2.44 6.79
N LEU A 206 5.18 -2.97 6.79
CA LEU A 206 6.31 -2.19 6.19
C LEU A 206 6.21 -2.19 4.68
N LEU A 207 5.56 -3.19 4.12
CA LEU A 207 5.40 -3.29 2.66
C LEU A 207 4.61 -2.07 2.18
N SER A 208 3.70 -1.48 2.98
CA SER A 208 3.00 -0.28 2.49
C SER A 208 4.02 0.88 2.36
N HIS A 209 5.10 0.88 3.15
CA HIS A 209 6.18 1.91 3.07
C HIS A 209 7.05 1.70 1.81
N VAL A 210 7.33 0.44 1.46
CA VAL A 210 7.93 0.05 0.14
C VAL A 210 7.04 0.55 -1.00
N ARG A 211 5.73 0.31 -0.92
CA ARG A 211 4.76 0.72 -1.98
C ARG A 211 4.76 2.25 -2.09
N HIS A 212 4.69 2.99 -0.99
CA HIS A 212 4.84 4.47 -1.03
C HIS A 212 6.15 4.92 -1.74
N ALA A 213 7.30 4.37 -1.37
CA ALA A 213 8.61 4.77 -1.95
C ALA A 213 8.57 4.49 -3.45
N SER A 214 7.93 3.40 -3.87
CA SER A 214 7.86 3.04 -5.29
C SER A 214 6.89 3.95 -6.05
N ASN A 215 5.80 4.41 -5.43
CA ASN A 215 4.92 5.47 -5.99
C ASN A 215 5.73 6.75 -6.23
N LYS A 216 6.52 7.21 -5.26
CA LYS A 216 7.39 8.40 -5.46
C LYS A 216 8.45 8.10 -6.53
N GLY A 217 9.06 6.92 -6.50
CA GLY A 217 10.13 6.60 -7.46
C GLY A 217 9.58 6.56 -8.88
N MET A 218 8.37 6.01 -9.05
CA MET A 218 7.76 5.89 -10.39
C MET A 218 7.47 7.31 -10.94
N GLU A 219 6.87 8.17 -10.10
CA GLU A 219 6.51 9.59 -10.43
C GLU A 219 7.77 10.31 -10.94
N HIS A 220 8.89 10.13 -10.24
CA HIS A 220 10.17 10.82 -10.53
C HIS A 220 10.72 10.36 -11.88
N LEU A 221 10.75 9.04 -12.08
CA LEU A 221 11.26 8.43 -13.30
C LEU A 221 10.37 8.81 -14.49
N LEU A 222 9.06 8.81 -14.31
CA LEU A 222 8.15 9.19 -15.44
C LEU A 222 8.49 10.62 -15.87
N ASN A 223 8.70 11.51 -14.90
CA ASN A 223 9.03 12.93 -15.17
C ASN A 223 10.38 13.02 -15.90
N MET A 224 11.37 12.22 -15.48
CA MET A 224 12.70 12.19 -16.13
C MET A 224 12.53 11.64 -17.55
N LYS A 225 11.72 10.59 -17.75
CA LYS A 225 11.44 10.02 -19.09
C LYS A 225 10.80 11.10 -19.98
N SER A 226 9.76 11.77 -19.49
CA SER A 226 8.98 12.75 -20.29
C SER A 226 9.87 13.92 -20.74
N LYS A 227 10.93 14.23 -19.97
CA LYS A 227 11.93 15.31 -20.29
C LYS A 227 13.05 14.73 -21.17
N ASN A 228 13.05 13.41 -21.39
CA ASN A 228 14.07 12.69 -22.21
C ASN A 228 15.48 12.87 -21.65
N VAL A 229 15.64 12.98 -20.32
CA VAL A 229 16.99 13.21 -19.70
C VAL A 229 17.66 11.89 -19.31
N VAL A 230 17.05 10.75 -19.59
CA VAL A 230 17.57 9.39 -19.23
C VAL A 230 17.48 8.48 -20.45
N PRO A 231 18.55 7.71 -20.74
CA PRO A 231 18.65 6.89 -21.96
C PRO A 231 17.44 5.99 -22.26
N VAL A 232 17.16 5.81 -23.56
CA VAL A 232 16.17 4.85 -24.11
C VAL A 232 16.67 3.45 -23.76
N TYR A 233 16.17 2.87 -22.66
CA TYR A 233 16.37 1.45 -22.27
C TYR A 233 15.04 0.73 -22.49
N ASP A 234 14.94 -0.06 -23.56
CA ASP A 234 13.68 -0.64 -24.10
C ASP A 234 12.83 -1.35 -23.04
N LEU A 235 13.37 -2.30 -22.28
CA LEU A 235 12.51 -3.03 -21.31
C LEU A 235 12.07 -2.07 -20.20
N LEU A 236 12.99 -1.29 -19.64
CA LEU A 236 12.62 -0.25 -18.64
C LEU A 236 11.52 0.67 -19.22
N LEU A 237 11.68 1.17 -20.44
CA LEU A 237 10.69 2.09 -21.07
C LEU A 237 9.32 1.44 -21.14
N GLU A 238 9.30 0.19 -21.58
CA GLU A 238 8.07 -0.60 -21.75
C GLU A 238 7.39 -0.72 -20.38
N MET A 239 8.17 -1.04 -19.35
CA MET A 239 7.63 -1.21 -17.97
C MET A 239 7.21 0.15 -17.42
N LEU A 240 7.87 1.25 -17.80
CA LEU A 240 7.48 2.62 -17.34
C LEU A 240 6.15 2.99 -18.00
N ASN A 241 6.05 2.76 -19.30
CA ASN A 241 4.88 3.11 -20.15
C ASN A 241 3.64 2.38 -19.65
N ALA A 242 3.78 1.20 -19.06
CA ALA A 242 2.65 0.52 -18.40
C ALA A 242 1.94 1.53 -17.48
N HIS A 243 2.71 2.29 -16.67
CA HIS A 243 2.18 3.32 -15.75
C HIS A 243 1.80 4.56 -16.58
N LEU B 8 -6.03 0.83 27.04
CA LEU B 8 -5.46 -0.03 28.15
C LEU B 8 -5.34 -1.48 27.66
N SER B 9 -6.25 -2.37 28.08
CA SER B 9 -6.36 -3.75 27.53
C SER B 9 -6.67 -3.64 26.03
N PRO B 10 -6.32 -4.66 25.22
CA PRO B 10 -6.86 -4.82 23.86
C PRO B 10 -8.40 -4.64 23.76
N GLU B 11 -9.17 -5.28 24.65
CA GLU B 11 -10.65 -5.11 24.69
C GLU B 11 -10.99 -3.64 24.94
N GLN B 12 -10.36 -2.99 25.91
CA GLN B 12 -10.64 -1.55 26.18
C GLN B 12 -10.33 -0.70 24.95
N LEU B 13 -9.23 -0.99 24.25
CA LEU B 13 -8.85 -0.22 23.02
C LEU B 13 -9.90 -0.45 21.94
N VAL B 14 -10.41 -1.68 21.74
CA VAL B 14 -11.46 -1.95 20.69
C VAL B 14 -12.75 -1.20 21.05
N LEU B 15 -13.14 -1.24 22.33
CA LEU B 15 -14.38 -0.53 22.76
C LEU B 15 -14.23 0.99 22.56
N THR B 16 -13.04 1.54 22.81
CA THR B 16 -12.74 2.98 22.56
C THR B 16 -12.92 3.29 21.08
N LEU B 17 -12.36 2.47 20.17
CA LEU B 17 -12.52 2.67 18.70
C LEU B 17 -13.99 2.51 18.31
N LEU B 18 -14.70 1.54 18.89
CA LEU B 18 -16.13 1.31 18.58
C LEU B 18 -16.88 2.61 18.91
N GLU B 19 -16.62 3.17 20.07
CA GLU B 19 -17.38 4.36 20.52
C GLU B 19 -17.03 5.53 19.62
N ALA B 20 -15.78 5.61 19.14
CA ALA B 20 -15.19 6.77 18.42
C ALA B 20 -15.65 6.80 16.96
N GLU B 21 -16.24 5.72 16.47
CA GLU B 21 -16.68 5.53 15.07
C GLU B 21 -17.57 6.71 14.70
N PRO B 22 -17.25 7.49 13.65
CA PRO B 22 -18.05 8.66 13.32
C PRO B 22 -19.49 8.28 13.01
N PRO B 23 -20.48 9.17 13.28
CA PRO B 23 -21.82 9.00 12.73
C PRO B 23 -21.84 9.12 11.20
N HIS B 24 -22.79 8.50 10.51
CA HIS B 24 -22.80 8.57 9.01
C HIS B 24 -23.18 9.99 8.59
N VAL B 25 -22.45 10.58 7.65
CA VAL B 25 -22.77 11.92 7.10
C VAL B 25 -23.96 11.75 6.16
N LEU B 26 -24.94 12.64 6.27
CA LEU B 26 -26.16 12.62 5.43
C LEU B 26 -25.96 13.55 4.22
N ILE B 27 -26.12 13.02 3.01
CA ILE B 27 -26.12 13.82 1.75
C ILE B 27 -27.33 13.34 0.95
N SER B 28 -28.07 14.26 0.32
CA SER B 28 -29.24 13.93 -0.55
C SER B 28 -28.73 13.57 -1.96
N ARG B 29 -29.27 12.50 -2.57
CA ARG B 29 -29.14 12.23 -4.01
C ARG B 29 -29.66 13.49 -4.71
N PRO B 30 -28.97 14.03 -5.72
CA PRO B 30 -29.55 15.07 -6.55
C PRO B 30 -30.93 14.63 -7.07
N SER B 31 -31.86 15.58 -7.16
CA SER B 31 -33.23 15.41 -7.72
C SER B 31 -33.20 15.06 -9.21
N ALA B 32 -32.42 15.77 -10.02
CA ALA B 32 -32.19 15.47 -11.45
C ALA B 32 -31.18 14.33 -11.58
N PRO B 33 -31.25 13.52 -12.67
CA PRO B 33 -30.21 12.53 -12.97
C PRO B 33 -28.80 13.14 -12.91
N PHE B 34 -27.82 12.36 -12.44
CA PHE B 34 -26.44 12.87 -12.16
C PHE B 34 -25.85 13.48 -13.44
N THR B 35 -25.19 14.60 -13.27
CA THR B 35 -24.28 15.22 -14.25
C THR B 35 -22.89 15.15 -13.65
N GLU B 36 -21.87 15.47 -14.46
CA GLU B 36 -20.49 15.56 -13.94
C GLU B 36 -20.52 16.47 -12.71
N ALA B 37 -21.22 17.60 -12.78
CA ALA B 37 -21.21 18.66 -11.74
C ALA B 37 -21.93 18.20 -10.47
N SER B 38 -23.09 17.55 -10.59
CA SER B 38 -23.94 17.17 -9.42
C SER B 38 -23.27 15.98 -8.75
N MET B 39 -22.64 15.10 -9.51
CA MET B 39 -21.88 13.97 -8.92
C MET B 39 -20.66 14.51 -8.15
N MET B 40 -19.84 15.35 -8.77
CA MET B 40 -18.62 15.94 -8.15
C MET B 40 -19.01 16.76 -6.92
N MET B 41 -20.12 17.49 -7.01
CA MET B 41 -20.59 18.32 -5.88
C MET B 41 -20.99 17.39 -4.72
N SER B 42 -21.72 16.29 -5.00
CA SER B 42 -22.20 15.31 -3.99
C SER B 42 -21.00 14.66 -3.27
N LEU B 43 -20.00 14.21 -4.03
CA LEU B 43 -18.85 13.48 -3.46
C LEU B 43 -17.95 14.42 -2.66
N THR B 44 -17.71 15.64 -3.15
CA THR B 44 -16.77 16.58 -2.50
C THR B 44 -17.43 17.14 -1.25
N LYS B 45 -18.73 17.38 -1.29
CA LYS B 45 -19.44 17.83 -0.08
C LYS B 45 -19.32 16.72 0.95
N LEU B 46 -19.55 15.47 0.55
CA LEU B 46 -19.44 14.31 1.47
C LEU B 46 -18.01 14.24 2.07
N ALA B 47 -16.98 14.27 1.24
CA ALA B 47 -15.58 14.15 1.67
C ALA B 47 -15.30 15.26 2.70
N ASP B 48 -15.73 16.49 2.43
CA ASP B 48 -15.41 17.64 3.32
C ASP B 48 -16.05 17.39 4.70
N LYS B 49 -17.32 16.95 4.75
CA LYS B 49 -18.06 16.65 6.00
C LYS B 49 -17.39 15.47 6.75
N GLU B 50 -17.02 14.42 6.02
CA GLU B 50 -16.40 13.21 6.62
C GLU B 50 -15.03 13.57 7.18
N LEU B 51 -14.30 14.48 6.53
CA LEU B 51 -12.95 14.86 7.00
C LEU B 51 -13.06 15.54 8.37
N VAL B 52 -14.13 16.29 8.59
CA VAL B 52 -14.30 16.98 9.91
C VAL B 52 -14.48 15.91 10.98
N HIS B 53 -15.35 14.92 10.72
CA HIS B 53 -15.59 13.81 11.67
C HIS B 53 -14.31 12.99 11.85
N MET B 54 -13.52 12.81 10.80
CA MET B 54 -12.28 12.00 10.81
C MET B 54 -11.31 12.59 11.85
N ILE B 55 -11.21 13.92 11.88
CA ILE B 55 -10.26 14.60 12.81
C ILE B 55 -10.69 14.28 14.22
N SER B 56 -11.98 14.36 14.48
CA SER B 56 -12.44 14.15 15.88
C SER B 56 -12.33 12.64 16.22
N TRP B 57 -12.45 11.71 15.25
CA TRP B 57 -12.19 10.26 15.47
C TRP B 57 -10.72 10.03 15.84
N ALA B 58 -9.80 10.63 15.10
CA ALA B 58 -8.36 10.44 15.30
C ALA B 58 -8.00 10.85 16.73
N LYS B 59 -8.54 11.96 17.20
CA LYS B 59 -8.26 12.53 18.54
C LYS B 59 -8.76 11.58 19.63
N LYS B 60 -9.65 10.64 19.30
CA LYS B 60 -10.16 9.66 20.29
C LYS B 60 -9.33 8.38 20.27
N ILE B 61 -8.46 8.19 19.30
CA ILE B 61 -7.57 6.99 19.35
C ILE B 61 -6.63 7.24 20.53
N PRO B 62 -6.61 6.33 21.54
CA PRO B 62 -5.76 6.54 22.73
C PRO B 62 -4.29 6.76 22.34
N GLY B 63 -3.72 7.87 22.81
CA GLY B 63 -2.31 8.24 22.55
C GLY B 63 -2.14 9.20 21.38
N PHE B 64 -3.10 9.32 20.44
CA PHE B 64 -2.90 10.09 19.20
C PHE B 64 -2.61 11.57 19.55
N VAL B 65 -3.36 12.15 20.50
CA VAL B 65 -3.23 13.61 20.82
C VAL B 65 -1.90 13.84 21.58
N GLU B 66 -1.23 12.78 22.00
CA GLU B 66 0.06 12.91 22.72
C GLU B 66 1.18 12.99 21.69
N LEU B 67 0.94 12.63 20.41
CA LEU B 67 1.98 12.77 19.38
C LEU B 67 2.26 14.25 19.12
N SER B 68 3.43 14.57 18.60
CA SER B 68 3.71 15.93 18.07
C SER B 68 2.55 16.33 17.14
N LEU B 69 2.17 17.61 17.17
CA LEU B 69 1.10 18.16 16.29
C LEU B 69 1.54 17.97 14.83
N PHE B 70 2.84 18.08 14.54
CA PHE B 70 3.37 17.99 13.15
C PHE B 70 3.18 16.55 12.65
N ASP B 71 3.32 15.60 13.56
CA ASP B 71 3.08 14.16 13.27
C ASP B 71 1.57 13.89 13.12
N GLN B 72 0.73 14.40 14.01
CA GLN B 72 -0.75 14.28 13.87
C GLN B 72 -1.14 14.78 12.48
N VAL B 73 -0.67 15.96 12.08
CA VAL B 73 -0.91 16.55 10.72
C VAL B 73 -0.41 15.59 9.62
N ARG B 74 0.85 15.13 9.69
CA ARG B 74 1.45 14.31 8.60
C ARG B 74 0.62 13.02 8.42
N LEU B 75 0.21 12.39 9.51
CA LEU B 75 -0.57 11.10 9.45
C LEU B 75 -1.91 11.33 8.74
N LEU B 76 -2.63 12.38 9.11
CA LEU B 76 -3.96 12.66 8.51
C LEU B 76 -3.82 13.10 7.05
N GLU B 77 -2.80 13.90 6.75
CA GLU B 77 -2.55 14.38 5.39
C GLU B 77 -2.22 13.20 4.47
N SER B 78 -1.47 12.24 5.00
CA SER B 78 -1.01 11.09 4.20
C SER B 78 -2.15 10.09 3.96
N SER B 79 -3.04 9.89 4.93
CA SER B 79 -3.90 8.69 4.95
C SER B 79 -5.37 9.01 4.65
N TRP B 80 -5.78 10.27 4.58
CA TRP B 80 -7.22 10.59 4.75
C TRP B 80 -8.05 9.88 3.68
N MET B 81 -7.58 9.85 2.45
CA MET B 81 -8.38 9.23 1.37
C MET B 81 -8.49 7.72 1.63
N GLU B 82 -7.44 7.06 2.13
CA GLU B 82 -7.47 5.61 2.44
C GLU B 82 -8.47 5.39 3.59
N VAL B 83 -8.49 6.26 4.61
CA VAL B 83 -9.42 6.10 5.76
C VAL B 83 -10.85 6.26 5.26
N LEU B 84 -11.10 7.21 4.37
CA LEU B 84 -12.45 7.47 3.78
C LEU B 84 -12.88 6.22 3.00
N MET B 85 -11.97 5.66 2.22
CA MET B 85 -12.29 4.50 1.38
C MET B 85 -12.51 3.21 2.21
N MET B 86 -11.71 2.98 3.25
CA MET B 86 -11.94 1.85 4.19
C MET B 86 -13.34 2.01 4.80
N GLY B 87 -13.72 3.22 5.23
CA GLY B 87 -15.07 3.41 5.83
C GLY B 87 -16.17 3.14 4.80
N LEU B 88 -15.97 3.61 3.56
CA LEU B 88 -16.95 3.40 2.45
C LEU B 88 -17.10 1.88 2.20
N MET B 89 -15.99 1.16 2.15
CA MET B 89 -16.02 -0.31 1.90
C MET B 89 -16.77 -1.00 3.03
N TRP B 90 -16.57 -0.57 4.28
CA TRP B 90 -17.31 -1.16 5.42
C TRP B 90 -18.82 -0.89 5.29
N ARG B 91 -19.20 0.35 4.95
CA ARG B 91 -20.63 0.73 4.85
C ARG B 91 -21.27 -0.04 3.69
N SER B 92 -20.48 -0.50 2.73
CA SER B 92 -20.98 -1.14 1.49
C SER B 92 -20.98 -2.68 1.64
N ILE B 93 -20.43 -3.22 2.73
CA ILE B 93 -20.14 -4.69 2.78
C ILE B 93 -21.47 -5.47 2.78
N ASP B 94 -22.54 -4.89 3.35
CA ASP B 94 -23.89 -5.53 3.46
C ASP B 94 -24.74 -5.23 2.21
N HIS B 95 -24.21 -4.63 1.15
CA HIS B 95 -25.01 -4.23 -0.04
C HIS B 95 -24.26 -4.55 -1.33
N PRO B 96 -24.13 -5.84 -1.70
CA PRO B 96 -23.37 -6.24 -2.90
C PRO B 96 -23.83 -5.49 -4.16
N GLY B 97 -22.88 -5.07 -4.99
CA GLY B 97 -23.08 -4.30 -6.24
C GLY B 97 -23.25 -2.80 -5.98
N LYS B 98 -23.30 -2.35 -4.72
CA LYS B 98 -23.55 -0.91 -4.41
C LYS B 98 -22.37 -0.31 -3.62
N LEU B 99 -22.18 0.98 -3.78
CA LEU B 99 -21.25 1.76 -2.91
C LEU B 99 -22.09 2.69 -2.08
N ILE B 100 -22.17 2.43 -0.79
CA ILE B 100 -23.07 3.20 0.13
C ILE B 100 -22.32 4.47 0.63
N PHE B 101 -22.22 5.50 -0.21
CA PHE B 101 -21.50 6.77 0.13
C PHE B 101 -22.17 7.44 1.33
N ALA B 102 -23.50 7.38 1.37
CA ALA B 102 -24.38 7.86 2.46
C ALA B 102 -25.73 7.16 2.33
N PRO B 103 -26.57 7.13 3.40
CA PRO B 103 -27.86 6.47 3.35
C PRO B 103 -28.68 6.81 2.10
N ASP B 104 -28.67 8.08 1.66
CA ASP B 104 -29.41 8.51 0.45
C ASP B 104 -28.47 8.75 -0.73
N LEU B 105 -27.20 8.31 -0.67
CA LEU B 105 -26.26 8.37 -1.81
C LEU B 105 -25.71 6.95 -2.06
N VAL B 106 -26.52 6.13 -2.72
CA VAL B 106 -26.26 4.70 -2.98
C VAL B 106 -25.93 4.60 -4.47
N LEU B 107 -24.68 4.41 -4.82
CA LEU B 107 -24.24 4.48 -6.23
C LEU B 107 -23.72 3.12 -6.69
N ASP B 108 -23.77 2.90 -8.01
CA ASP B 108 -23.08 1.77 -8.67
C ASP B 108 -22.46 2.32 -9.96
N ARG B 109 -21.97 1.43 -10.80
CA ARG B 109 -21.27 1.79 -12.06
C ARG B 109 -22.17 2.67 -12.95
N ASP B 110 -23.50 2.62 -12.75
CA ASP B 110 -24.47 3.45 -13.52
C ASP B 110 -24.10 4.92 -13.28
N GLU B 111 -24.17 5.37 -12.03
CA GLU B 111 -23.88 6.76 -11.60
C GLU B 111 -22.44 7.09 -12.00
N GLY B 112 -21.54 6.10 -12.00
CA GLY B 112 -20.09 6.28 -12.23
C GLY B 112 -19.81 6.89 -13.59
N LYS B 113 -20.64 6.56 -14.58
CA LYS B 113 -20.59 7.08 -15.97
C LYS B 113 -20.60 8.61 -15.97
N SER B 114 -21.26 9.25 -15.00
CA SER B 114 -21.48 10.73 -15.01
C SER B 114 -20.17 11.52 -14.88
N VAL B 115 -19.06 10.90 -14.43
CA VAL B 115 -17.77 11.64 -14.29
C VAL B 115 -16.66 10.84 -14.97
N GLU B 116 -16.02 11.43 -15.98
CA GLU B 116 -14.91 10.81 -16.74
C GLU B 116 -13.88 10.25 -15.75
N GLY B 117 -13.60 8.95 -15.84
CA GLY B 117 -12.55 8.22 -15.09
C GLY B 117 -12.98 7.77 -13.71
N ILE B 118 -14.15 8.14 -13.21
CA ILE B 118 -14.53 7.75 -11.81
C ILE B 118 -15.01 6.29 -11.82
N LEU B 119 -15.53 5.82 -12.97
CA LEU B 119 -15.99 4.42 -13.18
C LEU B 119 -14.88 3.43 -12.73
N GLU B 120 -13.65 3.68 -13.16
CA GLU B 120 -12.44 2.88 -12.80
C GLU B 120 -12.28 2.87 -11.27
N ILE B 121 -12.48 4.02 -10.61
CA ILE B 121 -12.31 4.14 -9.13
C ILE B 121 -13.40 3.26 -8.50
N PHE B 122 -14.66 3.41 -8.95
CA PHE B 122 -15.82 2.65 -8.42
C PHE B 122 -15.56 1.15 -8.58
N ASP B 123 -15.03 0.74 -9.73
CA ASP B 123 -14.69 -0.70 -10.00
C ASP B 123 -13.69 -1.24 -8.97
N MET B 124 -12.65 -0.48 -8.66
CA MET B 124 -11.63 -0.90 -7.64
C MET B 124 -12.32 -1.02 -6.27
N LEU B 125 -13.12 -0.02 -5.91
CA LEU B 125 -13.79 0.04 -4.58
C LEU B 125 -14.73 -1.17 -4.46
N LEU B 126 -15.57 -1.44 -5.48
CA LEU B 126 -16.47 -2.62 -5.50
C LEU B 126 -15.67 -3.91 -5.39
N ALA B 127 -14.57 -4.06 -6.15
CA ALA B 127 -13.71 -5.24 -6.13
C ALA B 127 -13.14 -5.48 -4.73
N THR B 128 -12.58 -4.45 -4.11
CA THR B 128 -11.94 -4.57 -2.80
C THR B 128 -13.00 -4.89 -1.76
N THR B 129 -14.18 -4.28 -1.88
CA THR B 129 -15.32 -4.54 -0.96
C THR B 129 -15.64 -6.02 -1.03
N SER B 130 -15.67 -6.60 -2.24
CA SER B 130 -15.95 -8.05 -2.46
C SER B 130 -14.92 -8.90 -1.72
N ARG B 131 -13.64 -8.54 -1.79
CA ARG B 131 -12.57 -9.31 -1.09
C ARG B 131 -12.86 -9.30 0.42
N PHE B 132 -13.25 -8.15 1.01
CA PHE B 132 -13.54 -8.09 2.47
C PHE B 132 -14.79 -8.92 2.74
N ARG B 133 -15.79 -8.84 1.88
CA ARG B 133 -17.00 -9.68 1.98
C ARG B 133 -16.62 -11.17 1.97
N GLU B 134 -15.80 -11.63 1.02
CA GLU B 134 -15.38 -13.07 0.94
C GLU B 134 -14.63 -13.48 2.22
N LEU B 135 -13.79 -12.61 2.79
CA LEU B 135 -13.06 -12.86 4.05
C LEU B 135 -14.01 -12.77 5.27
N LYS B 136 -15.27 -12.37 5.07
CA LYS B 136 -16.22 -12.13 6.19
C LYS B 136 -15.54 -11.20 7.23
N LEU B 137 -15.01 -10.06 6.80
CA LEU B 137 -14.48 -9.00 7.72
C LEU B 137 -15.54 -8.71 8.82
N GLN B 138 -15.12 -8.68 10.08
CA GLN B 138 -16.01 -8.46 11.25
C GLN B 138 -15.82 -7.01 11.73
N HIS B 139 -16.87 -6.46 12.33
CA HIS B 139 -16.89 -5.07 12.82
C HIS B 139 -15.63 -4.75 13.65
N LYS B 140 -15.25 -5.59 14.64
CA LYS B 140 -14.11 -5.24 15.53
C LYS B 140 -12.78 -5.36 14.78
N GLU B 141 -12.70 -6.21 13.74
CA GLU B 141 -11.51 -6.24 12.85
C GLU B 141 -11.41 -4.94 12.04
N TYR B 142 -12.49 -4.51 11.40
CA TYR B 142 -12.59 -3.22 10.66
C TYR B 142 -12.08 -2.04 11.53
N LEU B 143 -12.55 -1.94 12.75
CA LEU B 143 -12.18 -0.84 13.68
C LEU B 143 -10.65 -0.79 13.80
N CYS B 144 -10.02 -1.94 14.03
CA CYS B 144 -8.55 -2.08 14.20
C CYS B 144 -7.86 -1.70 12.90
N VAL B 145 -8.31 -2.27 11.77
CA VAL B 145 -7.70 -2.04 10.43
C VAL B 145 -7.75 -0.54 10.12
N LYS B 146 -8.89 0.13 10.38
CA LYS B 146 -9.04 1.52 9.93
C LYS B 146 -8.04 2.40 10.70
N ALA B 147 -7.84 2.12 11.99
CA ALA B 147 -6.90 2.86 12.84
C ALA B 147 -5.46 2.56 12.39
N MET B 148 -5.18 1.33 11.99
CA MET B 148 -3.83 0.95 11.51
C MET B 148 -3.47 1.69 10.22
N ILE B 149 -4.45 1.91 9.32
CA ILE B 149 -4.34 2.72 8.08
C ILE B 149 -3.81 4.13 8.40
N LEU B 150 -4.43 4.82 9.35
CA LEU B 150 -3.96 6.14 9.82
C LEU B 150 -2.55 6.04 10.45
N LEU B 151 -2.37 5.14 11.41
CA LEU B 151 -1.16 5.15 12.26
C LEU B 151 0.05 4.62 11.47
N ASN B 152 -0.19 3.83 10.41
CA ASN B 152 0.93 3.20 9.64
C ASN B 152 1.29 4.08 8.44
N SER B 153 0.68 5.26 8.25
CA SER B 153 0.80 5.99 6.96
C SER B 153 2.15 6.70 6.84
N SER B 154 2.96 6.75 7.90
N ASP B 166 9.77 11.42 22.71
CA ASP B 166 9.91 11.28 21.24
C ASP B 166 8.59 10.80 20.63
N SER B 167 8.04 11.57 19.69
CA SER B 167 6.74 11.31 19.00
C SER B 167 6.85 10.02 18.17
N SER B 168 7.99 9.79 17.51
CA SER B 168 8.23 8.58 16.68
C SER B 168 8.17 7.30 17.54
N ARG B 169 8.77 7.32 18.73
CA ARG B 169 8.69 6.20 19.69
C ARG B 169 7.21 5.98 20.07
N LYS B 170 6.49 7.04 20.43
CA LYS B 170 5.05 6.96 20.83
C LYS B 170 4.26 6.37 19.65
N LEU B 171 4.52 6.78 18.41
CA LEU B 171 3.73 6.31 17.24
C LEU B 171 3.94 4.79 17.06
N ALA B 172 5.18 4.27 17.13
CA ALA B 172 5.44 2.80 17.09
C ALA B 172 4.61 2.07 18.18
N HIS B 173 4.59 2.61 19.41
CA HIS B 173 3.87 2.05 20.59
C HIS B 173 2.35 2.07 20.34
N LEU B 174 1.82 3.20 19.86
CA LEU B 174 0.40 3.33 19.46
C LEU B 174 0.05 2.28 18.37
N LEU B 175 0.85 2.18 17.31
CA LEU B 175 0.56 1.20 16.23
C LEU B 175 0.64 -0.26 16.77
N ASN B 176 1.60 -0.55 17.61
CA ASN B 176 1.76 -1.89 18.25
C ASN B 176 0.52 -2.19 19.11
N ALA B 177 0.00 -1.21 19.82
CA ALA B 177 -1.19 -1.38 20.67
C ALA B 177 -2.40 -1.76 19.78
N VAL B 178 -2.55 -1.11 18.65
CA VAL B 178 -3.72 -1.42 17.79
C VAL B 178 -3.51 -2.80 17.16
N THR B 179 -2.28 -3.09 16.79
CA THR B 179 -1.94 -4.37 16.18
C THR B 179 -2.29 -5.46 17.18
N ASP B 180 -1.88 -5.29 18.44
CA ASP B 180 -2.18 -6.21 19.57
C ASP B 180 -3.70 -6.42 19.68
N ALA B 181 -4.49 -5.34 19.54
CA ALA B 181 -5.96 -5.39 19.65
C ALA B 181 -6.51 -6.26 18.51
N LEU B 182 -5.94 -6.15 17.32
CA LEU B 182 -6.47 -6.92 16.15
C LEU B 182 -6.16 -8.41 16.35
N VAL B 183 -4.95 -8.71 16.83
CA VAL B 183 -4.54 -10.09 17.15
C VAL B 183 -5.53 -10.70 18.17
N TRP B 184 -5.87 -9.93 19.21
CA TRP B 184 -6.86 -10.29 20.25
C TRP B 184 -8.23 -10.54 19.63
N VAL B 185 -8.75 -9.66 18.77
CA VAL B 185 -10.08 -9.85 18.08
C VAL B 185 -10.05 -11.17 17.28
N ILE B 186 -9.03 -11.38 16.46
CA ILE B 186 -8.91 -12.63 15.68
C ILE B 186 -8.90 -13.83 16.66
N ALA B 187 -8.14 -13.77 17.75
CA ALA B 187 -8.10 -14.89 18.75
C ALA B 187 -9.50 -15.22 19.28
N LYS B 188 -10.37 -14.21 19.51
CA LYS B 188 -11.75 -14.41 20.05
C LYS B 188 -12.55 -15.32 19.12
N SER B 189 -12.17 -15.44 17.83
CA SER B 189 -12.81 -16.31 16.82
C SER B 189 -12.59 -17.80 17.13
N GLY B 190 -11.52 -18.15 17.85
CA GLY B 190 -11.26 -19.52 18.29
C GLY B 190 -10.66 -20.44 17.22
N ILE B 191 -10.31 -19.94 16.03
CA ILE B 191 -9.67 -20.78 14.98
C ILE B 191 -8.23 -21.10 15.43
N SER B 192 -7.60 -22.08 14.81
CA SER B 192 -6.23 -22.55 15.12
C SER B 192 -5.25 -21.36 15.07
N SER B 193 -4.14 -21.44 15.79
CA SER B 193 -3.08 -20.39 15.77
C SER B 193 -2.56 -20.19 14.33
N GLN B 194 -2.49 -21.24 13.52
CA GLN B 194 -2.00 -21.09 12.12
C GLN B 194 -3.04 -20.30 11.34
N GLN B 195 -4.31 -20.62 11.54
CA GLN B 195 -5.41 -19.96 10.81
C GLN B 195 -5.52 -18.50 11.23
N GLN B 196 -5.25 -18.21 12.50
CA GLN B 196 -5.19 -16.82 13.03
C GLN B 196 -4.10 -16.03 12.30
N SER B 197 -2.89 -16.58 12.13
CA SER B 197 -1.84 -15.89 11.35
C SER B 197 -2.28 -15.66 9.91
N MET B 198 -2.84 -16.66 9.26
CA MET B 198 -3.25 -16.53 7.85
C MET B 198 -4.35 -15.45 7.75
N ARG B 199 -5.23 -15.38 8.73
CA ARG B 199 -6.34 -14.38 8.69
C ARG B 199 -5.74 -13.00 8.87
N LEU B 200 -4.81 -12.84 9.80
CA LEU B 200 -4.09 -11.55 9.99
C LEU B 200 -3.39 -11.15 8.68
N ALA B 201 -2.66 -12.07 8.05
CA ALA B 201 -1.94 -11.81 6.78
C ALA B 201 -2.93 -11.35 5.73
N ASN B 202 -4.04 -12.07 5.59
CA ASN B 202 -4.99 -11.80 4.49
C ASN B 202 -5.64 -10.43 4.72
N LEU B 203 -5.95 -10.06 5.97
CA LEU B 203 -6.55 -8.72 6.26
C LEU B 203 -5.55 -7.62 5.89
N LEU B 204 -4.31 -7.75 6.35
CA LEU B 204 -3.30 -6.69 6.12
C LEU B 204 -2.91 -6.62 4.64
N MET B 205 -2.88 -7.74 3.94
CA MET B 205 -2.57 -7.72 2.49
C MET B 205 -3.68 -7.00 1.69
N LEU B 206 -4.92 -6.95 2.19
CA LEU B 206 -5.99 -6.19 1.51
C LEU B 206 -5.78 -4.69 1.63
N LEU B 207 -5.02 -4.21 2.62
CA LEU B 207 -4.84 -2.75 2.83
C LEU B 207 -4.05 -2.12 1.69
N SER B 208 -3.17 -2.86 1.00
CA SER B 208 -2.44 -2.27 -0.12
C SER B 208 -3.41 -2.09 -1.29
N HIS B 209 -4.52 -2.82 -1.33
CA HIS B 209 -5.59 -2.67 -2.35
C HIS B 209 -6.39 -1.40 -2.03
N VAL B 210 -6.61 -1.13 -0.74
CA VAL B 210 -7.24 0.16 -0.32
C VAL B 210 -6.29 1.31 -0.71
N ARG B 211 -4.99 1.20 -0.43
CA ARG B 211 -3.93 2.21 -0.72
C ARG B 211 -3.90 2.48 -2.23
N HIS B 212 -3.98 1.46 -3.06
CA HIS B 212 -3.97 1.65 -4.53
C HIS B 212 -5.21 2.48 -4.95
N ALA B 213 -6.37 2.12 -4.43
CA ALA B 213 -7.66 2.81 -4.72
C ALA B 213 -7.54 4.28 -4.27
N SER B 214 -6.98 4.52 -3.09
CA SER B 214 -6.68 5.88 -2.57
C SER B 214 -5.83 6.68 -3.57
N ASN B 215 -4.72 6.11 -4.04
CA ASN B 215 -3.78 6.80 -4.97
C ASN B 215 -4.49 7.16 -6.27
N LYS B 216 -5.30 6.25 -6.84
CA LYS B 216 -6.08 6.49 -8.08
C LYS B 216 -7.11 7.59 -7.79
N GLY B 217 -7.80 7.49 -6.67
CA GLY B 217 -8.79 8.51 -6.26
C GLY B 217 -8.17 9.90 -6.12
N MET B 218 -7.07 10.02 -5.36
CA MET B 218 -6.35 11.30 -5.17
C MET B 218 -5.93 11.91 -6.52
N GLU B 219 -5.31 11.13 -7.39
CA GLU B 219 -4.92 11.61 -8.74
C GLU B 219 -6.17 12.11 -9.48
N HIS B 220 -7.27 11.37 -9.40
CA HIS B 220 -8.53 11.73 -10.10
C HIS B 220 -9.04 13.08 -9.56
N LEU B 221 -9.09 13.23 -8.25
CA LEU B 221 -9.63 14.45 -7.61
C LEU B 221 -8.72 15.65 -7.92
N LEU B 222 -7.40 15.47 -7.86
CA LEU B 222 -6.46 16.55 -8.26
C LEU B 222 -6.74 16.97 -9.70
N ASN B 223 -6.99 16.01 -10.60
CA ASN B 223 -7.25 16.29 -12.04
C ASN B 223 -8.56 17.09 -12.11
N MET B 224 -9.56 16.78 -11.29
CA MET B 224 -10.87 17.47 -11.37
C MET B 224 -10.72 18.90 -10.85
N LYS B 225 -9.89 19.09 -9.82
CA LYS B 225 -9.58 20.43 -9.24
C LYS B 225 -8.89 21.28 -10.32
N SER B 226 -8.03 20.69 -11.16
CA SER B 226 -7.37 21.34 -12.33
C SER B 226 -8.40 21.84 -13.35
N LYS B 227 -9.48 21.09 -13.55
CA LYS B 227 -10.58 21.39 -14.49
C LYS B 227 -11.54 22.44 -13.91
N ASN B 228 -11.45 22.72 -12.60
CA ASN B 228 -12.40 23.59 -11.84
C ASN B 228 -13.81 22.98 -11.87
N VAL B 229 -13.92 21.65 -11.69
CA VAL B 229 -15.18 20.93 -11.36
C VAL B 229 -15.33 20.91 -9.83
N VAL B 230 -14.25 21.17 -9.09
CA VAL B 230 -14.20 21.18 -7.59
C VAL B 230 -14.80 22.51 -7.11
N PRO B 231 -15.76 22.47 -6.15
CA PRO B 231 -16.18 23.67 -5.40
C PRO B 231 -15.26 24.05 -4.23
N VAL B 232 -15.50 25.23 -3.64
CA VAL B 232 -14.76 25.74 -2.44
C VAL B 232 -15.27 24.98 -1.21
N TYR B 233 -14.62 23.87 -0.86
CA TYR B 233 -14.71 23.24 0.49
C TYR B 233 -13.33 23.39 1.13
N ASP B 234 -13.24 24.25 2.14
CA ASP B 234 -11.96 24.70 2.78
C ASP B 234 -11.10 23.49 3.19
N LEU B 235 -11.63 22.60 4.02
CA LEU B 235 -10.80 21.49 4.56
C LEU B 235 -10.36 20.53 3.44
N LEU B 236 -11.28 20.09 2.60
CA LEU B 236 -10.94 19.18 1.48
C LEU B 236 -9.80 19.76 0.64
N LEU B 237 -9.88 21.03 0.32
CA LEU B 237 -8.88 21.69 -0.56
C LEU B 237 -7.53 21.62 0.15
N GLU B 238 -7.51 21.94 1.45
CA GLU B 238 -6.28 21.88 2.27
C GLU B 238 -5.69 20.47 2.22
N MET B 239 -6.52 19.45 2.41
CA MET B 239 -6.06 18.04 2.41
C MET B 239 -5.62 17.62 1.01
N LEU B 240 -6.30 18.08 -0.05
CA LEU B 240 -5.91 17.76 -1.45
C LEU B 240 -4.51 18.34 -1.73
N ASN B 241 -4.31 19.64 -1.50
CA ASN B 241 -3.05 20.41 -1.69
C ASN B 241 -1.87 19.84 -0.87
N ALA B 242 -2.10 19.00 0.14
CA ALA B 242 -1.04 18.28 0.87
C ALA B 242 -0.42 17.19 -0.03
N HIS B 243 -1.07 16.84 -1.15
CA HIS B 243 -0.53 15.91 -2.18
C HIS B 243 -0.19 16.72 -3.45
N SER C 3 8.09 -2.90 -29.38
CA SER C 3 8.72 -3.23 -28.08
C SER C 3 7.82 -4.13 -27.22
N HIS C 4 8.09 -5.43 -27.24
CA HIS C 4 7.34 -6.50 -26.52
C HIS C 4 8.33 -7.44 -25.84
N LYS C 5 9.37 -6.85 -25.23
CA LYS C 5 10.49 -7.57 -24.59
C LYS C 5 9.98 -8.31 -23.34
N LEU C 6 9.06 -7.73 -22.58
CA LEU C 6 8.48 -8.46 -21.40
C LEU C 6 7.87 -9.80 -21.85
N VAL C 7 7.04 -9.78 -22.91
CA VAL C 7 6.38 -11.02 -23.40
C VAL C 7 7.45 -11.93 -23.99
N GLN C 8 8.40 -11.39 -24.76
CA GLN C 8 9.52 -12.22 -25.28
C GLN C 8 10.19 -12.97 -24.12
N LEU C 9 10.51 -12.26 -23.03
CA LEU C 9 11.29 -12.88 -21.90
C LEU C 9 10.38 -13.84 -21.12
N LEU C 10 9.07 -13.59 -21.08
CA LEU C 10 8.13 -14.50 -20.38
C LEU C 10 8.00 -15.80 -21.15
N THR C 11 8.37 -15.87 -22.42
CA THR C 11 8.07 -17.08 -23.24
C THR C 11 9.35 -17.83 -23.66
N THR C 12 10.51 -17.21 -23.56
CA THR C 12 11.81 -17.84 -23.87
C THR C 12 12.63 -17.99 -22.59
N THR C 13 13.63 -18.88 -22.62
CA THR C 13 14.58 -19.16 -21.51
C THR C 13 16.03 -19.08 -22.03
N HIS D 4 -4.05 25.13 7.73
CA HIS D 4 -4.57 26.03 8.81
C HIS D 4 -5.81 25.41 9.42
N LYS D 5 -6.84 25.05 8.63
CA LYS D 5 -8.10 24.50 9.20
C LYS D 5 -7.85 23.14 9.85
N LEU D 6 -6.98 22.31 9.27
CA LEU D 6 -6.60 21.00 9.87
C LEU D 6 -6.08 21.26 11.30
N VAL D 7 -5.15 22.21 11.42
CA VAL D 7 -4.49 22.54 12.72
C VAL D 7 -5.54 23.06 13.72
N GLN D 8 -6.53 23.85 13.28
CA GLN D 8 -7.64 24.36 14.12
C GLN D 8 -8.49 23.19 14.64
N LEU D 9 -8.92 22.30 13.76
CA LEU D 9 -9.75 21.14 14.18
C LEU D 9 -8.94 20.25 15.14
N LEU D 10 -7.61 20.15 14.99
CA LEU D 10 -6.81 19.24 15.83
C LEU D 10 -6.62 19.85 17.22
N THR D 11 -6.54 21.17 17.33
CA THR D 11 -6.04 21.81 18.60
C THR D 11 -7.07 22.72 19.25
N THR D 12 -7.97 23.41 18.51
CA THR D 12 -8.81 24.47 19.10
C THR D 12 -10.29 24.13 18.94
N THR D 13 -10.54 22.91 18.50
CA THR D 13 -11.79 22.14 18.57
C THR D 13 -11.41 20.90 19.37
#